data_1ROQ
#
_entry.id   1ROQ
#
_entity_poly.entity_id   1
_entity_poly.type   'polyribonucleotide'
_entity_poly.pdbx_seq_one_letter_code
;GGUAUCACGGUACC
;
_entity_poly.pdbx_strand_id   A
#
loop_
_chem_comp.id
_chem_comp.type
_chem_comp.name
_chem_comp.formula
A RNA linking ADENOSINE-5'-MONOPHOSPHATE 'C10 H14 N5 O7 P'
C RNA linking CYTIDINE-5'-MONOPHOSPHATE 'C9 H14 N3 O8 P'
G RNA linking GUANOSINE-5'-MONOPHOSPHATE 'C10 H14 N5 O8 P'
U RNA linking URIDINE-5'-MONOPHOSPHATE 'C9 H13 N2 O9 P'
#